data_6ZD7
#
_entry.id   6ZD7
#
_cell.length_a   40.010
_cell.length_b   104.000
_cell.length_c   41.910
_cell.angle_alpha   90.000
_cell.angle_beta   105.323
_cell.angle_gamma   90.000
#
_symmetry.space_group_name_H-M   'P 1 21 1'
#
loop_
_entity.id
_entity.type
_entity.pdbx_description
1 polymer 'YTH domain containing 1'
2 non-polymer 'SULFATE ION'
3 non-polymer N-methyladenosine
4 water water
#
_entity_poly.entity_id   1
_entity_poly.type   'polypeptide(L)'
_entity_poly.pdbx_seq_one_letter_code
;MHHHHHHSSGRENLYFQGTSKLKYVLQDARFFLIKSNNHENVSLAKAKGVWSVLPVNEKKLNLAFRSARSVILIFSVRES
GKFQGFARLSSESHHGGSPIHWVLPAGMSAKMLGGVFKIDWICRRELPFTKSAHLTNPWNEHKPVKIGRDGQEIELECGT
QLCLLFPPDESIDLYQVIHKMRH
;
_entity_poly.pdbx_strand_id   B,A
#
loop_
_chem_comp.id
_chem_comp.type
_chem_comp.name
_chem_comp.formula
6MD non-polymer N-methyladenosine 'C11 H15 N5 O4'
SO4 non-polymer 'SULFATE ION' 'O4 S -2'
#
# COMPACT_ATOMS: atom_id res chain seq x y z
N GLY A 18 -29.34 11.31 13.24
CA GLY A 18 -29.32 10.61 11.96
C GLY A 18 -27.90 10.30 11.55
N THR A 19 -27.70 9.89 10.29
CA THR A 19 -26.36 9.56 9.82
C THR A 19 -25.84 10.50 8.74
N SER A 20 -26.61 11.52 8.34
CA SER A 20 -26.12 12.40 7.27
C SER A 20 -24.77 13.03 7.63
N LYS A 21 -24.65 13.53 8.87
CA LYS A 21 -23.41 14.18 9.28
C LYS A 21 -22.24 13.19 9.22
N LEU A 22 -22.43 12.00 9.79
CA LEU A 22 -21.35 11.02 9.81
C LEU A 22 -21.01 10.57 8.39
N LYS A 23 -22.04 10.35 7.55
CA LYS A 23 -21.77 9.93 6.18
C LYS A 23 -20.99 11.00 5.42
N TYR A 24 -21.30 12.27 5.69
CA TYR A 24 -20.54 13.35 5.09
C TYR A 24 -19.08 13.29 5.50
N VAL A 25 -18.82 13.05 6.79
CA VAL A 25 -17.46 12.99 7.31
C VAL A 25 -16.68 11.85 6.66
N LEU A 26 -17.35 10.74 6.40
CA LEU A 26 -16.73 9.51 5.92
C LEU A 26 -16.70 9.39 4.40
N GLN A 27 -17.39 10.27 3.70
CA GLN A 27 -17.29 10.29 2.24
C GLN A 27 -15.84 10.51 1.85
N ASP A 28 -15.31 9.60 1.03
CA ASP A 28 -13.94 9.70 0.58
C ASP A 28 -12.98 9.76 1.77
N ALA A 29 -13.06 8.73 2.60
CA ALA A 29 -12.19 8.58 3.77
C ALA A 29 -11.26 7.39 3.57
N ARG A 30 -10.13 7.42 4.25
CA ARG A 30 -9.30 6.23 4.42
C ARG A 30 -9.37 5.82 5.88
N PHE A 31 -9.22 4.53 6.13
CA PHE A 31 -9.50 3.91 7.42
C PHE A 31 -8.33 3.03 7.81
N PHE A 32 -7.95 3.10 9.07
CA PHE A 32 -6.85 2.31 9.59
C PHE A 32 -7.21 1.70 10.93
N LEU A 33 -6.96 0.40 11.06
CA LEU A 33 -7.09 -0.31 12.32
C LEU A 33 -5.92 0.05 13.23
N ILE A 34 -6.21 0.50 14.43
CA ILE A 34 -5.18 0.86 15.41
C ILE A 34 -5.33 -0.10 16.60
N LYS A 35 -4.24 -0.79 16.94
CA LYS A 35 -4.24 -1.75 18.03
C LYS A 35 -3.41 -1.17 19.17
N SER A 36 -4.02 -1.04 20.33
CA SER A 36 -3.32 -0.62 21.53
C SER A 36 -3.03 -1.83 22.39
N ASN A 37 -1.83 -1.90 22.95
CA ASN A 37 -1.57 -2.98 23.88
C ASN A 37 -2.28 -2.77 25.21
N ASN A 38 -2.66 -1.53 25.54
CA ASN A 38 -3.17 -1.23 26.86
C ASN A 38 -4.33 -0.25 26.77
N HIS A 39 -5.24 -0.37 27.75
CA HIS A 39 -6.37 0.55 27.85
C HIS A 39 -5.95 1.95 28.25
N GLU A 40 -4.82 2.10 28.96
CA GLU A 40 -4.45 3.39 29.54
C GLU A 40 -4.27 4.44 28.47
N ASN A 41 -3.53 4.12 27.41
CA ASN A 41 -3.26 5.08 26.35
C ASN A 41 -4.51 5.46 25.58
N VAL A 42 -5.44 4.51 25.40
CA VAL A 42 -6.71 4.85 24.77
C VAL A 42 -7.50 5.83 25.65
N SER A 43 -7.49 5.63 26.97
CA SER A 43 -8.15 6.57 27.87
CA SER A 43 -8.16 6.57 27.86
C SER A 43 -7.52 7.95 27.77
N LEU A 44 -6.19 8.00 27.77
CA LEU A 44 -5.49 9.28 27.61
C LEU A 44 -5.87 9.94 26.28
N ALA A 45 -5.83 9.17 25.20
CA ALA A 45 -6.11 9.69 23.87
C ALA A 45 -7.54 10.18 23.74
N LYS A 46 -8.49 9.46 24.35
CA LYS A 46 -9.89 9.87 24.25
C LYS A 46 -10.12 11.22 24.90
N ALA A 47 -9.41 11.49 25.99
CA ALA A 47 -9.59 12.73 26.74
C ALA A 47 -8.86 13.91 26.10
N LYS A 48 -7.65 13.66 25.59
CA LYS A 48 -6.73 14.68 25.11
C LYS A 48 -6.79 14.90 23.61
N GLY A 49 -7.24 13.92 22.84
CA GLY A 49 -7.32 14.10 21.40
C GLY A 49 -5.97 14.00 20.71
N VAL A 50 -5.20 12.97 21.04
CA VAL A 50 -3.91 12.74 20.40
C VAL A 50 -3.69 11.25 20.25
N TRP A 51 -2.82 10.89 19.30
CA TRP A 51 -2.35 9.53 19.14
C TRP A 51 -0.96 9.55 18.53
N SER A 52 -0.22 8.45 18.76
CA SER A 52 1.10 8.21 18.21
C SER A 52 1.23 6.76 17.79
N VAL A 53 1.98 6.52 16.71
CA VAL A 53 2.16 5.19 16.16
C VAL A 53 3.64 4.97 15.88
N LEU A 54 3.97 3.72 15.50
CA LEU A 54 5.33 3.37 15.14
C LEU A 54 5.73 4.03 13.82
N PRO A 55 7.04 4.09 13.52
CA PRO A 55 7.47 4.77 12.28
C PRO A 55 6.85 4.20 11.01
N VAL A 56 6.68 2.88 10.92
CA VAL A 56 6.12 2.29 9.70
C VAL A 56 4.72 2.83 9.44
N ASN A 57 3.89 2.85 10.48
CA ASN A 57 2.52 3.34 10.36
C ASN A 57 2.45 4.86 10.29
N GLU A 58 3.42 5.56 10.89
CA GLU A 58 3.39 7.02 10.86
C GLU A 58 3.51 7.55 9.44
N LYS A 59 4.34 6.90 8.61
CA LYS A 59 4.49 7.31 7.23
C LYS A 59 3.20 7.13 6.45
N LYS A 60 2.58 5.95 6.58
CA LYS A 60 1.31 5.70 5.90
C LYS A 60 0.25 6.70 6.32
N LEU A 61 0.20 7.06 7.61
CA LEU A 61 -0.82 8.00 8.08
C LEU A 61 -0.58 9.41 7.56
N ASN A 62 0.67 9.82 7.44
CA ASN A 62 0.93 11.14 6.91
C ASN A 62 0.67 11.18 5.41
N LEU A 63 1.07 10.13 4.70
CA LEU A 63 0.69 10.02 3.29
C LEU A 63 -0.83 10.05 3.13
N ALA A 64 -1.54 9.28 3.98
CA ALA A 64 -2.99 9.25 3.87
C ALA A 64 -3.60 10.61 4.19
N PHE A 65 -3.05 11.32 5.18
CA PHE A 65 -3.63 12.59 5.58
C PHE A 65 -3.62 13.60 4.45
N ARG A 66 -2.68 13.48 3.52
CA ARG A 66 -2.72 14.36 2.36
C ARG A 66 -3.57 13.76 1.25
N SER A 67 -3.52 12.44 1.11
CA SER A 67 -4.30 11.76 0.09
C SER A 67 -5.80 11.93 0.27
N ALA A 68 -6.27 12.19 1.49
CA ALA A 68 -7.65 11.87 1.84
C ALA A 68 -8.37 13.07 2.46
N ARG A 69 -9.67 13.16 2.14
CA ARG A 69 -10.55 14.15 2.76
C ARG A 69 -10.63 13.95 4.27
N SER A 70 -10.72 12.69 4.71
CA SER A 70 -10.66 12.30 6.11
C SER A 70 -9.86 11.02 6.26
N VAL A 71 -9.09 10.93 7.34
CA VAL A 71 -8.36 9.72 7.70
C VAL A 71 -8.86 9.26 9.06
N ILE A 72 -9.46 8.07 9.11
CA ILE A 72 -10.15 7.58 10.30
C ILE A 72 -9.31 6.48 10.94
N LEU A 73 -9.01 6.63 12.23
CA LEU A 73 -8.39 5.57 13.02
C LEU A 73 -9.46 4.86 13.81
N ILE A 74 -9.51 3.54 13.70
CA ILE A 74 -10.48 2.72 14.43
C ILE A 74 -9.71 1.90 15.46
N PHE A 75 -9.99 2.14 16.74
CA PHE A 75 -9.17 1.62 17.85
C PHE A 75 -9.65 0.27 18.36
N SER A 76 -8.71 -0.64 18.64
CA SER A 76 -9.05 -1.84 19.38
C SER A 76 -7.90 -2.17 20.34
N VAL A 77 -8.24 -2.37 21.60
CA VAL A 77 -7.23 -2.80 22.57
C VAL A 77 -7.06 -4.31 22.43
N ARG A 78 -5.80 -4.73 22.32
CA ARG A 78 -5.47 -6.14 22.18
C ARG A 78 -6.14 -6.98 23.28
N GLU A 79 -6.74 -8.09 22.85
CA GLU A 79 -7.39 -9.09 23.70
C GLU A 79 -8.69 -8.59 24.32
N SER A 80 -9.18 -7.41 23.95
CA SER A 80 -10.43 -6.92 24.54
C SER A 80 -11.67 -7.51 23.87
N GLY A 81 -11.55 -7.97 22.62
CA GLY A 81 -12.70 -8.45 21.87
C GLY A 81 -13.60 -7.35 21.36
N LYS A 82 -13.12 -6.11 21.36
CA LYS A 82 -13.96 -4.96 21.04
C LYS A 82 -13.13 -3.89 20.36
N PHE A 83 -13.83 -3.00 19.66
CA PHE A 83 -13.29 -1.70 19.30
C PHE A 83 -13.71 -0.71 20.37
N GLN A 84 -12.84 0.23 20.68
CA GLN A 84 -13.16 1.22 21.70
C GLN A 84 -13.59 2.55 21.12
N GLY A 85 -13.63 2.69 19.79
CA GLY A 85 -14.12 3.90 19.17
C GLY A 85 -13.31 4.24 17.94
N PHE A 86 -13.59 5.40 17.35
CA PHE A 86 -12.84 5.85 16.19
C PHE A 86 -12.76 7.37 16.14
N ALA A 87 -11.71 7.83 15.47
CA ALA A 87 -11.35 9.24 15.49
C ALA A 87 -10.79 9.61 14.13
N ARG A 88 -10.82 10.91 13.86
CA ARG A 88 -10.36 11.47 12.59
C ARG A 88 -9.09 12.28 12.81
N LEU A 89 -8.06 12.03 12.00
CA LEU A 89 -6.87 12.87 12.07
C LEU A 89 -7.22 14.31 11.74
N SER A 90 -6.77 15.24 12.58
CA SER A 90 -6.86 16.65 12.25
C SER A 90 -5.51 17.27 11.93
N SER A 91 -4.43 16.51 12.08
CA SER A 91 -3.11 17.02 11.76
C SER A 91 -2.24 15.88 11.24
N GLU A 92 -1.20 16.24 10.52
CA GLU A 92 -0.07 15.35 10.30
C GLU A 92 0.67 15.13 11.62
N SER A 93 1.52 14.12 11.62
CA SER A 93 2.35 13.85 12.79
C SER A 93 3.19 15.06 13.15
N HIS A 94 3.27 15.35 14.45
CA HIS A 94 4.04 16.47 14.97
C HIS A 94 5.11 15.97 15.93
N HIS A 95 6.31 16.51 15.80
CA HIS A 95 7.37 16.35 16.76
C HIS A 95 7.65 17.67 17.46
N GLY A 96 8.04 17.60 18.72
CA GLY A 96 8.49 18.78 19.43
C GLY A 96 7.51 19.40 20.40
N GLY A 97 6.30 18.86 20.53
CA GLY A 97 5.37 19.34 21.53
C GLY A 97 5.73 18.82 22.90
N SER A 98 4.96 19.29 23.90
CA SER A 98 5.11 18.75 25.24
C SER A 98 4.94 17.23 25.18
N PRO A 99 5.78 16.46 25.88
CA PRO A 99 5.64 15.00 25.82
C PRO A 99 4.29 14.55 26.31
N ILE A 100 3.73 13.56 25.62
CA ILE A 100 2.55 12.86 26.08
C ILE A 100 3.02 11.69 26.94
N HIS A 101 2.53 11.62 28.17
CA HIS A 101 2.99 10.60 29.13
C HIS A 101 2.36 9.24 28.81
N TRP A 102 2.61 8.77 27.60
CA TRP A 102 2.08 7.47 27.21
C TRP A 102 2.58 6.38 28.15
N VAL A 103 1.72 5.40 28.41
CA VAL A 103 2.15 4.16 29.05
C VAL A 103 2.89 3.36 27.97
N LEU A 104 4.22 3.38 28.03
CA LEU A 104 5.04 2.79 26.98
C LEU A 104 5.12 1.28 27.13
N PRO A 105 4.80 0.51 26.09
CA PRO A 105 4.89 -0.96 26.19
C PRO A 105 6.32 -1.48 26.26
N ALA A 106 6.45 -2.81 26.22
CA ALA A 106 7.73 -3.49 26.33
C ALA A 106 8.74 -2.96 25.33
N GLY A 107 9.77 -2.26 25.82
CA GLY A 107 10.85 -1.79 24.99
C GLY A 107 10.47 -0.82 23.89
N MET A 108 9.78 0.26 24.27
CA MET A 108 9.52 1.37 23.36
C MET A 108 9.97 2.67 24.02
N SER A 109 10.43 3.60 23.21
CA SER A 109 11.04 4.82 23.69
C SER A 109 10.07 5.99 23.62
N ALA A 110 10.29 6.98 24.48
CA ALA A 110 9.55 8.23 24.42
C ALA A 110 9.83 8.97 23.11
N LYS A 111 10.75 8.44 22.29
CA LYS A 111 10.99 8.93 20.94
C LYS A 111 10.63 7.89 19.87
N MET A 112 10.28 6.66 20.27
CA MET A 112 9.86 5.63 19.33
C MET A 112 8.47 5.90 18.77
N LEU A 113 7.64 6.62 19.52
CA LEU A 113 6.37 7.14 19.07
C LEU A 113 6.27 8.62 19.41
N GLY A 114 7.36 9.35 19.14
CA GLY A 114 7.43 10.77 19.43
C GLY A 114 6.61 11.63 18.49
N GLY A 115 6.21 11.10 17.34
CA GLY A 115 5.33 11.83 16.44
C GLY A 115 3.90 11.78 16.97
N VAL A 116 3.29 12.95 17.12
CA VAL A 116 1.98 13.08 17.74
C VAL A 116 0.98 13.55 16.68
N PHE A 117 -0.08 12.77 16.47
CA PHE A 117 -1.20 13.20 15.65
C PHE A 117 -2.28 13.82 16.54
N LYS A 118 -2.77 14.99 16.14
CA LYS A 118 -4.01 15.53 16.71
C LYS A 118 -5.19 14.77 16.11
N ILE A 119 -6.13 14.33 16.96
CA ILE A 119 -7.31 13.63 16.48
C ILE A 119 -8.57 14.20 17.14
N ASP A 120 -9.66 14.17 16.39
CA ASP A 120 -10.99 14.46 16.89
C ASP A 120 -11.76 13.16 16.97
N TRP A 121 -12.20 12.79 18.17
CA TRP A 121 -12.98 11.58 18.31
C TRP A 121 -14.36 11.75 17.68
N ILE A 122 -14.81 10.72 16.97
CA ILE A 122 -16.14 10.72 16.38
CA ILE A 122 -16.14 10.70 16.36
C ILE A 122 -17.05 9.83 17.21
N CYS A 123 -16.47 8.79 17.79
CA CYS A 123 -17.20 7.89 18.68
C CYS A 123 -16.22 7.36 19.71
N ARG A 124 -16.56 7.48 20.99
CA ARG A 124 -15.75 6.91 22.06
C ARG A 124 -16.43 5.72 22.73
N ARG A 125 -17.53 5.24 22.15
CA ARG A 125 -18.26 4.10 22.69
C ARG A 125 -17.75 2.82 22.04
N GLU A 126 -17.94 1.71 22.75
CA GLU A 126 -17.37 0.44 22.32
C GLU A 126 -18.29 -0.25 21.31
N LEU A 127 -17.67 -1.10 20.48
CA LEU A 127 -18.39 -1.95 19.55
C LEU A 127 -17.78 -3.35 19.69
N PRO A 128 -18.51 -4.31 20.24
CA PRO A 128 -17.93 -5.64 20.39
C PRO A 128 -17.78 -6.31 19.03
N PHE A 129 -16.72 -7.11 18.90
CA PHE A 129 -16.46 -7.84 17.67
C PHE A 129 -17.66 -8.66 17.24
N THR A 130 -18.57 -8.98 18.16
CA THR A 130 -19.75 -9.77 17.81
C THR A 130 -20.69 -9.01 16.90
N LYS A 131 -20.71 -7.68 16.97
CA LYS A 131 -21.60 -6.88 16.15
C LYS A 131 -21.03 -6.57 14.78
N SER A 132 -19.77 -6.87 14.53
CA SER A 132 -19.16 -6.60 13.23
C SER A 132 -18.79 -7.87 12.49
N ALA A 133 -19.34 -9.01 12.92
CA ALA A 133 -18.88 -10.30 12.41
C ALA A 133 -19.24 -10.51 10.94
N HIS A 134 -20.19 -9.76 10.41
CA HIS A 134 -20.59 -9.89 9.02
C HIS A 134 -19.72 -9.10 8.05
N LEU A 135 -18.77 -8.30 8.55
CA LEU A 135 -18.02 -7.38 7.71
C LEU A 135 -16.62 -7.91 7.46
N THR A 136 -16.25 -7.96 6.19
CA THR A 136 -14.93 -8.41 5.79
C THR A 136 -14.22 -7.29 5.04
N ASN A 137 -12.90 -7.27 5.16
CA ASN A 137 -12.07 -6.25 4.53
C ASN A 137 -11.45 -6.81 3.26
N PRO A 138 -11.87 -6.34 2.09
CA PRO A 138 -11.28 -6.85 0.83
C PRO A 138 -9.78 -6.63 0.73
N TRP A 139 -9.22 -5.67 1.46
CA TRP A 139 -7.78 -5.42 1.43
C TRP A 139 -7.04 -6.21 2.49
N ASN A 140 -7.71 -7.13 3.18
CA ASN A 140 -7.05 -8.14 4.00
C ASN A 140 -7.64 -9.51 3.73
N GLU A 141 -7.71 -9.87 2.44
CA GLU A 141 -8.08 -11.20 1.96
C GLU A 141 -9.49 -11.57 2.39
N HIS A 142 -10.36 -10.57 2.50
CA HIS A 142 -11.77 -10.75 2.82
C HIS A 142 -11.96 -11.49 4.14
N LYS A 143 -11.01 -11.32 5.06
CA LYS A 143 -11.15 -11.74 6.44
C LYS A 143 -12.03 -10.76 7.21
N PRO A 144 -12.69 -11.22 8.28
CA PRO A 144 -13.51 -10.31 9.09
C PRO A 144 -12.69 -9.14 9.60
N VAL A 145 -13.31 -7.96 9.61
CA VAL A 145 -12.56 -6.72 9.78
C VAL A 145 -11.87 -6.65 11.13
N LYS A 146 -12.39 -7.34 12.15
CA LYS A 146 -11.72 -7.40 13.44
C LYS A 146 -10.34 -8.02 13.35
N ILE A 147 -10.06 -8.79 12.31
CA ILE A 147 -8.74 -9.39 12.09
C ILE A 147 -7.85 -8.40 11.35
N GLY A 148 -6.67 -8.14 11.90
CA GLY A 148 -5.75 -7.24 11.22
C GLY A 148 -4.54 -6.89 12.04
N ARG A 149 -3.42 -6.62 11.36
CA ARG A 149 -2.23 -6.11 12.02
C ARG A 149 -2.49 -4.67 12.46
N ASP A 150 -1.73 -4.22 13.43
CA ASP A 150 -1.73 -2.81 13.77
C ASP A 150 -1.44 -1.98 12.52
N GLY A 151 -2.29 -0.99 12.25
CA GLY A 151 -2.14 -0.16 11.07
C GLY A 151 -2.73 -0.72 9.78
N GLN A 152 -3.36 -1.90 9.83
CA GLN A 152 -3.98 -2.46 8.64
C GLN A 152 -4.99 -1.48 8.04
N GLU A 153 -4.89 -1.23 6.74
CA GLU A 153 -5.81 -0.32 6.11
C GLU A 153 -7.09 -1.05 5.74
N ILE A 154 -8.22 -0.41 6.00
CA ILE A 154 -9.54 -0.98 5.74
C ILE A 154 -10.11 -0.29 4.50
N GLU A 155 -10.58 -1.12 3.55
CA GLU A 155 -11.18 -0.63 2.31
C GLU A 155 -12.36 0.28 2.61
N LEU A 156 -12.62 1.23 1.70
CA LEU A 156 -13.56 2.33 1.92
C LEU A 156 -14.93 1.87 2.39
N GLU A 157 -15.58 0.97 1.64
CA GLU A 157 -16.95 0.62 2.01
C GLU A 157 -16.98 -0.18 3.31
N CYS A 158 -16.02 -1.11 3.48
CA CYS A 158 -15.98 -1.86 4.72
C CYS A 158 -15.76 -0.94 5.92
N GLY A 159 -14.82 0.01 5.79
CA GLY A 159 -14.57 0.94 6.88
C GLY A 159 -15.78 1.81 7.18
N THR A 160 -16.47 2.28 6.13
CA THR A 160 -17.67 3.08 6.31
C THR A 160 -18.73 2.30 7.07
N GLN A 161 -18.99 1.05 6.65
CA GLN A 161 -20.00 0.26 7.34
CA GLN A 161 -20.00 0.26 7.34
C GLN A 161 -19.59 -0.04 8.79
N LEU A 162 -18.31 -0.27 9.01
CA LEU A 162 -17.85 -0.53 10.36
C LEU A 162 -18.10 0.69 11.27
N CYS A 163 -17.81 1.87 10.76
CA CYS A 163 -18.02 3.07 11.54
C CYS A 163 -19.52 3.26 11.79
N LEU A 164 -20.35 2.97 10.79
CA LEU A 164 -21.79 3.15 11.00
C LEU A 164 -22.35 2.19 12.05
N LEU A 165 -21.65 1.09 12.34
CA LEU A 165 -22.10 0.14 13.35
C LEU A 165 -22.01 0.68 14.77
N PHE A 166 -21.13 1.65 15.02
CA PHE A 166 -20.96 2.16 16.37
C PHE A 166 -22.23 2.88 16.84
N PRO A 167 -22.53 2.84 18.14
CA PRO A 167 -23.69 3.58 18.64
C PRO A 167 -23.43 5.06 18.65
N PRO A 168 -24.47 5.89 18.55
CA PRO A 168 -24.30 7.34 18.66
C PRO A 168 -23.68 7.72 20.01
N ASP A 169 -22.84 8.74 19.98
CA ASP A 169 -22.12 9.17 21.18
C ASP A 169 -22.56 10.59 21.50
N GLU A 170 -23.31 10.74 22.59
CA GLU A 170 -23.84 12.03 23.01
C GLU A 170 -22.76 12.96 23.55
N SER A 171 -21.55 12.46 23.78
CA SER A 171 -20.47 13.33 24.22
C SER A 171 -19.79 14.03 23.06
N ILE A 172 -20.11 13.66 21.82
CA ILE A 172 -19.41 14.15 20.64
C ILE A 172 -20.28 15.14 19.89
N ASP A 173 -19.66 16.23 19.46
CA ASP A 173 -20.26 17.23 18.58
C ASP A 173 -19.45 17.27 17.28
N LEU A 174 -20.07 16.88 16.17
CA LEU A 174 -19.36 16.82 14.90
C LEU A 174 -19.12 18.20 14.27
N TYR A 175 -19.70 19.26 14.84
CA TYR A 175 -19.58 20.59 14.24
C TYR A 175 -18.13 20.98 13.99
N GLN A 176 -17.26 20.75 14.97
CA GLN A 176 -15.86 21.13 14.80
C GLN A 176 -15.22 20.39 13.64
N VAL A 177 -15.47 19.08 13.55
CA VAL A 177 -14.89 18.29 12.47
C VAL A 177 -15.39 18.80 11.11
N ILE A 178 -16.71 18.97 11.00
CA ILE A 178 -17.30 19.42 9.75
C ILE A 178 -16.69 20.76 9.33
N HIS A 179 -16.40 21.63 10.30
CA HIS A 179 -15.76 22.89 9.97
C HIS A 179 -14.31 22.70 9.55
N LYS A 180 -13.58 21.81 10.21
CA LYS A 180 -12.20 21.53 9.83
C LYS A 180 -12.08 20.99 8.41
N MET A 181 -13.12 20.40 7.87
CA MET A 181 -13.09 19.91 6.50
C MET A 181 -13.40 21.03 5.52
N GLY B 18 2.46 -2.13 5.60
CA GLY B 18 2.45 -3.57 5.71
C GLY B 18 2.50 -4.28 4.37
N THR B 19 2.16 -5.56 4.36
CA THR B 19 2.19 -6.33 3.12
C THR B 19 0.81 -6.59 2.53
N SER B 20 -0.25 -6.14 3.21
CA SER B 20 -1.61 -6.49 2.79
C SER B 20 -2.00 -5.79 1.49
N LYS B 21 -1.71 -4.50 1.36
CA LYS B 21 -2.05 -3.83 0.10
C LYS B 21 -1.21 -4.38 -1.05
N LEU B 22 0.05 -4.73 -0.79
CA LEU B 22 0.88 -5.34 -1.82
C LEU B 22 0.27 -6.67 -2.27
N LYS B 23 -0.15 -7.50 -1.31
CA LYS B 23 -0.73 -8.79 -1.67
C LYS B 23 -2.01 -8.60 -2.47
N TYR B 24 -2.80 -7.57 -2.12
CA TYR B 24 -4.01 -7.27 -2.86
C TYR B 24 -3.68 -6.87 -4.30
N VAL B 25 -2.65 -6.06 -4.49
CA VAL B 25 -2.29 -5.63 -5.84
C VAL B 25 -1.82 -6.83 -6.66
N LEU B 26 -1.10 -7.75 -6.02
CA LEU B 26 -0.53 -8.94 -6.65
C LEU B 26 -1.55 -10.05 -6.87
N GLN B 27 -2.76 -9.95 -6.32
CA GLN B 27 -3.67 -11.06 -6.39
C GLN B 27 -4.08 -11.32 -7.84
N ASP B 28 -3.96 -12.57 -8.26
CA ASP B 28 -4.33 -12.97 -9.60
C ASP B 28 -3.68 -12.06 -10.65
N ALA B 29 -2.45 -11.64 -10.37
CA ALA B 29 -1.65 -10.91 -11.34
C ALA B 29 -0.97 -11.87 -12.31
N ARG B 30 -0.46 -11.30 -13.39
CA ARG B 30 0.54 -11.97 -14.22
C ARG B 30 1.87 -11.25 -14.05
N PHE B 31 2.96 -11.99 -14.25
CA PHE B 31 4.31 -11.52 -13.95
C PHE B 31 5.19 -11.78 -15.18
N PHE B 32 5.98 -10.78 -15.55
CA PHE B 32 6.91 -10.91 -16.67
C PHE B 32 8.29 -10.43 -16.25
N LEU B 33 9.30 -11.22 -16.61
CA LEU B 33 10.69 -10.87 -16.36
C LEU B 33 11.17 -9.87 -17.41
N ILE B 34 11.79 -8.77 -16.97
CA ILE B 34 12.32 -7.76 -17.88
C ILE B 34 13.82 -7.72 -17.70
N LYS B 35 14.56 -7.91 -18.78
CA LYS B 35 16.02 -7.91 -18.76
C LYS B 35 16.51 -6.70 -19.51
N SER B 36 16.99 -5.70 -18.77
CA SER B 36 17.55 -4.50 -19.36
C SER B 36 19.05 -4.66 -19.53
N ASN B 37 19.57 -4.25 -20.68
CA ASN B 37 21.00 -4.35 -20.94
C ASN B 37 21.81 -3.30 -20.21
N ASN B 38 21.19 -2.26 -19.68
CA ASN B 38 21.94 -1.19 -19.03
C ASN B 38 21.13 -0.60 -17.87
N HIS B 39 21.86 0.03 -16.94
CA HIS B 39 21.20 0.68 -15.81
C HIS B 39 20.48 1.94 -16.22
N GLU B 40 21.01 2.66 -17.20
CA GLU B 40 20.45 3.95 -17.59
CA GLU B 40 20.46 3.95 -17.61
C GLU B 40 18.96 3.85 -17.89
N ASN B 41 18.55 2.84 -18.65
CA ASN B 41 17.14 2.74 -18.99
C ASN B 41 16.28 2.42 -17.77
N VAL B 42 16.78 1.61 -16.84
CA VAL B 42 15.98 1.32 -15.65
C VAL B 42 15.85 2.56 -14.78
N SER B 43 16.92 3.38 -14.73
CA SER B 43 16.82 4.65 -14.01
CA SER B 43 16.83 4.65 -14.02
C SER B 43 15.82 5.58 -14.68
N LEU B 44 15.88 5.70 -16.01
CA LEU B 44 14.92 6.55 -16.71
C LEU B 44 13.49 6.05 -16.51
N ALA B 45 13.30 4.73 -16.54
CA ALA B 45 11.98 4.15 -16.28
C ALA B 45 11.46 4.49 -14.89
N LYS B 46 12.36 4.54 -13.90
CA LYS B 46 11.93 4.83 -12.54
C LYS B 46 11.58 6.29 -12.37
N ALA B 47 12.23 7.17 -13.13
CA ALA B 47 11.92 8.59 -13.08
C ALA B 47 10.64 8.94 -13.84
N LYS B 48 10.45 8.34 -15.02
CA LYS B 48 9.38 8.73 -15.93
C LYS B 48 8.20 7.76 -15.97
N GLY B 49 8.30 6.62 -15.31
CA GLY B 49 7.18 5.70 -15.27
C GLY B 49 6.81 5.12 -16.62
N VAL B 50 7.81 4.74 -17.41
CA VAL B 50 7.55 4.15 -18.72
C VAL B 50 8.54 3.02 -18.98
N TRP B 51 8.14 2.10 -19.85
CA TRP B 51 9.06 1.08 -20.31
C TRP B 51 8.71 0.70 -21.74
N SER B 52 9.71 0.23 -22.48
CA SER B 52 9.51 -0.23 -23.85
C SER B 52 10.24 -1.54 -24.06
N VAL B 53 9.60 -2.42 -24.86
CA VAL B 53 10.08 -3.76 -25.15
C VAL B 53 10.11 -3.98 -26.66
N LEU B 54 10.78 -5.05 -27.08
CA LEU B 54 10.80 -5.41 -28.49
C LEU B 54 9.42 -5.88 -28.96
N PRO B 55 9.13 -5.78 -30.26
CA PRO B 55 7.74 -5.99 -30.72
C PRO B 55 7.15 -7.34 -30.34
N VAL B 56 7.95 -8.41 -30.29
CA VAL B 56 7.41 -9.71 -29.93
C VAL B 56 6.94 -9.72 -28.47
N ASN B 57 7.65 -9.01 -27.60
CA ASN B 57 7.21 -8.90 -26.22
C ASN B 57 6.11 -7.85 -26.05
N GLU B 58 6.11 -6.82 -26.90
CA GLU B 58 5.05 -5.82 -26.82
C GLU B 58 3.68 -6.45 -27.01
N LYS B 59 3.57 -7.38 -27.96
CA LYS B 59 2.28 -8.03 -28.18
C LYS B 59 1.87 -8.85 -26.97
N LYS B 60 2.82 -9.60 -26.37
CA LYS B 60 2.46 -10.41 -25.19
C LYS B 60 1.92 -9.54 -24.07
N LEU B 61 2.53 -8.38 -23.86
CA LEU B 61 2.13 -7.53 -22.73
C LEU B 61 0.78 -6.89 -22.97
N ASN B 62 0.55 -6.44 -24.21
CA ASN B 62 -0.78 -5.91 -24.55
C ASN B 62 -1.84 -6.97 -24.30
N LEU B 63 -1.61 -8.20 -24.77
CA LEU B 63 -2.55 -9.29 -24.50
C LEU B 63 -2.71 -9.52 -22.99
N ALA B 64 -1.60 -9.60 -22.26
CA ALA B 64 -1.69 -9.81 -20.82
C ALA B 64 -2.43 -8.66 -20.13
N PHE B 65 -2.18 -7.43 -20.57
CA PHE B 65 -2.79 -6.28 -19.89
C PHE B 65 -4.31 -6.37 -19.88
N ARG B 66 -4.91 -6.87 -20.97
CA ARG B 66 -6.36 -6.99 -21.06
C ARG B 66 -6.90 -8.20 -20.31
N SER B 67 -6.04 -9.15 -19.96
CA SER B 67 -6.46 -10.45 -19.43
C SER B 67 -6.42 -10.55 -17.92
N ALA B 68 -5.78 -9.60 -17.23
CA ALA B 68 -5.52 -9.75 -15.82
C ALA B 68 -5.69 -8.40 -15.15
N ARG B 69 -6.08 -8.43 -13.88
CA ARG B 69 -6.27 -7.18 -13.14
C ARG B 69 -4.95 -6.43 -12.94
N SER B 70 -3.83 -7.15 -12.82
CA SER B 70 -2.50 -6.54 -12.72
C SER B 70 -1.54 -7.32 -13.61
N VAL B 71 -0.72 -6.61 -14.39
CA VAL B 71 0.44 -7.18 -15.05
C VAL B 71 1.69 -6.54 -14.45
N ILE B 72 2.55 -7.36 -13.86
CA ILE B 72 3.72 -6.92 -13.11
C ILE B 72 4.97 -7.18 -13.95
N LEU B 73 5.78 -6.13 -14.16
CA LEU B 73 7.12 -6.28 -14.72
C LEU B 73 8.14 -6.33 -13.59
N ILE B 74 9.00 -7.34 -13.60
CA ILE B 74 10.07 -7.50 -12.62
C ILE B 74 11.40 -7.28 -13.35
N PHE B 75 12.14 -6.25 -12.94
CA PHE B 75 13.26 -5.73 -13.72
C PHE B 75 14.58 -6.29 -13.24
N SER B 76 15.46 -6.61 -14.18
CA SER B 76 16.82 -6.97 -13.84
C SER B 76 17.76 -6.42 -14.90
N VAL B 77 18.78 -5.69 -14.45
CA VAL B 77 19.82 -5.18 -15.34
C VAL B 77 20.85 -6.26 -15.55
N ARG B 78 21.17 -6.55 -16.81
CA ARG B 78 22.08 -7.64 -17.14
C ARG B 78 23.44 -7.38 -16.50
N GLU B 79 23.99 -8.43 -15.88
CA GLU B 79 25.28 -8.50 -15.21
C GLU B 79 25.25 -7.87 -13.82
N SER B 80 24.10 -7.39 -13.34
CA SER B 80 24.10 -6.75 -12.02
C SER B 80 23.96 -7.76 -10.89
N GLY B 81 23.55 -8.99 -11.19
CA GLY B 81 23.27 -9.96 -10.15
C GLY B 81 22.06 -9.66 -9.31
N LYS B 82 21.20 -8.74 -9.75
CA LYS B 82 20.11 -8.26 -8.93
C LYS B 82 18.88 -8.01 -9.79
N PHE B 83 17.73 -7.99 -9.11
CA PHE B 83 16.55 -7.29 -9.58
C PHE B 83 16.57 -5.87 -9.05
N GLN B 84 16.01 -4.94 -9.83
CA GLN B 84 16.02 -3.52 -9.48
C GLN B 84 14.66 -3.01 -9.04
N GLY B 85 13.66 -3.88 -8.93
CA GLY B 85 12.34 -3.50 -8.49
C GLY B 85 11.29 -4.09 -9.41
N PHE B 86 10.02 -3.72 -9.16
CA PHE B 86 8.95 -4.18 -10.02
C PHE B 86 7.85 -3.14 -10.08
N ALA B 87 7.05 -3.23 -11.15
CA ALA B 87 6.09 -2.18 -11.50
C ALA B 87 4.89 -2.80 -12.20
N ARG B 88 3.77 -2.08 -12.13
CA ARG B 88 2.51 -2.55 -12.68
C ARG B 88 2.23 -1.81 -13.97
N LEU B 89 1.89 -2.55 -15.04
CA LEU B 89 1.43 -1.89 -16.26
C LEU B 89 0.17 -1.09 -15.95
N SER B 90 0.16 0.18 -16.35
CA SER B 90 -1.06 0.98 -16.26
C SER B 90 -1.67 1.29 -17.63
N SER B 91 -1.03 0.84 -18.72
CA SER B 91 -1.56 1.09 -20.04
C SER B 91 -1.12 -0.02 -21.01
N GLU B 92 -1.82 -0.12 -22.13
CA GLU B 92 -1.26 -0.79 -23.28
C GLU B 92 -0.16 0.11 -23.90
N SER B 93 0.62 -0.47 -24.82
CA SER B 93 1.64 0.32 -25.48
C SER B 93 1.02 1.39 -26.37
N HIS B 94 1.73 2.51 -26.50
CA HIS B 94 1.33 3.60 -27.39
C HIS B 94 2.53 4.02 -28.23
N HIS B 95 2.29 4.21 -29.53
CA HIS B 95 3.32 4.60 -30.48
C HIS B 95 3.14 6.05 -30.90
N GLY B 96 4.21 6.61 -31.48
CA GLY B 96 4.26 8.04 -31.72
C GLY B 96 4.33 8.83 -30.43
N GLY B 97 4.35 10.16 -30.58
CA GLY B 97 4.27 11.01 -29.42
C GLY B 97 5.58 11.51 -28.85
N SER B 98 5.89 11.12 -27.62
CA SER B 98 7.10 11.55 -26.93
C SER B 98 8.18 10.48 -27.08
N PRO B 99 9.19 10.69 -27.91
CA PRO B 99 10.28 9.70 -28.00
C PRO B 99 11.08 9.66 -26.70
N ILE B 100 11.35 8.45 -26.22
CA ILE B 100 12.07 8.25 -24.97
C ILE B 100 13.56 8.10 -25.28
N HIS B 101 14.39 8.81 -24.54
CA HIS B 101 15.84 8.78 -24.77
C HIS B 101 16.48 7.52 -24.22
N TRP B 102 15.96 6.35 -24.60
CA TRP B 102 16.58 5.10 -24.18
C TRP B 102 18.02 5.03 -24.68
N VAL B 103 18.88 4.42 -23.88
CA VAL B 103 20.18 3.96 -24.36
C VAL B 103 19.96 2.64 -25.10
N LEU B 104 20.50 2.53 -26.31
CA LEU B 104 20.18 1.41 -27.18
C LEU B 104 21.34 0.42 -27.23
N PRO B 105 21.07 -0.88 -27.12
CA PRO B 105 22.13 -1.87 -27.34
C PRO B 105 22.66 -1.85 -28.78
N ALA B 106 23.63 -2.72 -29.08
CA ALA B 106 24.42 -2.59 -30.29
C ALA B 106 23.58 -2.70 -31.56
N GLY B 107 22.65 -3.64 -31.61
CA GLY B 107 21.90 -3.86 -32.82
C GLY B 107 20.43 -3.52 -32.75
N MET B 108 20.07 -2.61 -31.85
CA MET B 108 18.68 -2.26 -31.61
C MET B 108 18.43 -0.82 -32.06
N SER B 109 17.33 -0.62 -32.79
CA SER B 109 16.98 0.69 -33.30
C SER B 109 15.86 1.31 -32.47
N ALA B 110 15.69 2.63 -32.63
CA ALA B 110 14.69 3.35 -31.84
C ALA B 110 13.27 2.91 -32.19
N LYS B 111 13.02 2.56 -33.44
CA LYS B 111 11.69 2.09 -33.81
C LYS B 111 11.38 0.73 -33.16
N MET B 112 12.40 -0.03 -32.76
CA MET B 112 12.16 -1.30 -32.10
C MET B 112 11.63 -1.11 -30.69
N LEU B 113 11.96 0.04 -30.07
CA LEU B 113 11.44 0.42 -28.75
C LEU B 113 10.44 1.56 -28.86
N GLY B 114 9.72 1.67 -29.98
CA GLY B 114 8.79 2.77 -30.15
C GLY B 114 7.50 2.63 -29.36
N GLY B 115 7.08 1.39 -29.10
CA GLY B 115 5.93 1.19 -28.23
C GLY B 115 6.30 1.46 -26.78
N VAL B 116 5.53 2.32 -26.13
CA VAL B 116 5.83 2.78 -24.78
C VAL B 116 4.67 2.38 -23.88
N PHE B 117 4.98 1.65 -22.81
CA PHE B 117 4.01 1.34 -21.75
C PHE B 117 4.18 2.32 -20.61
N LYS B 118 3.07 2.72 -20.01
CA LYS B 118 3.14 3.45 -18.75
C LYS B 118 3.10 2.44 -17.61
N ILE B 119 3.90 2.68 -16.59
CA ILE B 119 3.96 1.80 -15.45
C ILE B 119 3.87 2.62 -14.17
N ASP B 120 3.34 1.98 -13.13
CA ASP B 120 3.37 2.49 -11.76
C ASP B 120 4.29 1.58 -10.95
N TRP B 121 5.34 2.16 -10.40
CA TRP B 121 6.27 1.36 -9.62
C TRP B 121 5.63 0.92 -8.32
N ILE B 122 5.87 -0.33 -7.96
CA ILE B 122 5.35 -0.88 -6.72
C ILE B 122 6.50 -0.99 -5.72
N CYS B 123 7.71 -1.23 -6.23
CA CYS B 123 8.92 -1.34 -5.42
C CYS B 123 10.11 -0.93 -6.27
N ARG B 124 10.86 0.09 -5.84
CA ARG B 124 12.07 0.51 -6.53
C ARG B 124 13.33 0.00 -5.85
N ARG B 125 13.20 -0.88 -4.87
CA ARG B 125 14.34 -1.42 -4.16
C ARG B 125 14.93 -2.62 -4.89
N GLU B 126 16.22 -2.86 -4.67
CA GLU B 126 16.92 -3.99 -5.26
C GLU B 126 16.68 -5.26 -4.45
N LEU B 127 16.79 -6.40 -5.15
CA LEU B 127 16.84 -7.71 -4.53
C LEU B 127 17.94 -8.54 -5.19
N PRO B 128 18.94 -9.00 -4.43
CA PRO B 128 20.01 -9.81 -5.02
C PRO B 128 19.51 -11.20 -5.42
N PHE B 129 20.07 -11.69 -6.53
CA PHE B 129 19.72 -13.03 -7.00
C PHE B 129 19.94 -14.10 -5.93
N THR B 130 20.91 -13.89 -5.04
CA THR B 130 21.16 -14.86 -3.98
C THR B 130 19.94 -15.07 -3.11
N LYS B 131 19.08 -14.07 -2.99
CA LYS B 131 17.90 -14.21 -2.13
C LYS B 131 16.73 -14.91 -2.82
N SER B 132 16.81 -15.17 -4.12
CA SER B 132 15.69 -15.83 -4.81
C SER B 132 16.05 -17.20 -5.34
N ALA B 133 17.16 -17.77 -4.83
CA ALA B 133 17.66 -19.06 -5.29
C ALA B 133 16.71 -20.21 -5.00
N HIS B 134 15.77 -20.04 -4.07
CA HIS B 134 14.81 -21.09 -3.74
C HIS B 134 13.56 -21.05 -4.61
N LEU B 135 13.49 -20.12 -5.57
CA LEU B 135 12.32 -19.92 -6.41
C LEU B 135 12.65 -20.34 -7.83
N THR B 136 11.86 -21.27 -8.36
CA THR B 136 11.97 -21.74 -9.72
C THR B 136 10.68 -21.42 -10.47
N ASN B 137 10.81 -21.22 -11.78
CA ASN B 137 9.73 -20.78 -12.63
C ASN B 137 9.20 -21.96 -13.44
N PRO B 138 8.01 -22.48 -13.15
CA PRO B 138 7.49 -23.62 -13.94
C PRO B 138 7.40 -23.33 -15.44
N TRP B 139 7.18 -22.06 -15.83
CA TRP B 139 7.10 -21.74 -17.25
C TRP B 139 8.47 -21.61 -17.92
N ASN B 140 9.57 -21.70 -17.17
CA ASN B 140 10.89 -21.83 -17.78
C ASN B 140 11.61 -23.08 -17.28
N GLU B 141 10.95 -24.24 -17.37
CA GLU B 141 11.59 -25.53 -17.06
C GLU B 141 12.07 -25.60 -15.62
N HIS B 142 11.39 -24.88 -14.71
CA HIS B 142 11.71 -24.89 -13.29
C HIS B 142 13.15 -24.47 -13.03
N LYS B 143 13.68 -23.66 -13.93
CA LYS B 143 14.96 -23.03 -13.70
C LYS B 143 14.79 -21.90 -12.68
N PRO B 144 15.84 -21.55 -11.93
CA PRO B 144 15.72 -20.43 -10.98
C PRO B 144 15.16 -19.20 -11.68
N VAL B 145 14.29 -18.49 -10.95
CA VAL B 145 13.50 -17.43 -11.57
C VAL B 145 14.39 -16.34 -12.14
N LYS B 146 15.56 -16.11 -11.55
CA LYS B 146 16.51 -15.15 -12.10
C LYS B 146 16.89 -15.47 -13.54
N ILE B 147 16.79 -16.73 -13.97
CA ILE B 147 17.15 -17.12 -15.32
C ILE B 147 15.91 -17.00 -16.20
N GLY B 148 16.07 -16.38 -17.35
CA GLY B 148 14.96 -16.30 -18.27
C GLY B 148 15.24 -15.25 -19.30
N ARG B 149 14.66 -15.41 -20.49
CA ARG B 149 14.78 -14.40 -21.53
C ARG B 149 13.96 -13.19 -21.17
N ASP B 150 14.31 -12.08 -21.79
CA ASP B 150 13.54 -10.85 -21.65
C ASP B 150 12.11 -11.10 -22.12
N GLY B 151 11.15 -10.76 -21.26
CA GLY B 151 9.75 -11.02 -21.54
C GLY B 151 9.23 -12.35 -21.07
N GLN B 152 10.05 -13.17 -20.44
CA GLN B 152 9.65 -14.50 -19.98
C GLN B 152 8.57 -14.39 -18.92
N GLU B 153 7.41 -14.99 -19.17
CA GLU B 153 6.37 -14.98 -18.16
C GLU B 153 6.74 -15.85 -16.96
N ILE B 154 6.48 -15.33 -15.76
CA ILE B 154 6.71 -16.06 -14.53
C ILE B 154 5.38 -16.49 -13.93
N GLU B 155 5.30 -17.76 -13.52
CA GLU B 155 4.06 -18.33 -13.04
C GLU B 155 3.58 -17.66 -11.75
N LEU B 156 2.25 -17.62 -11.58
CA LEU B 156 1.59 -16.87 -10.51
C LEU B 156 2.29 -17.02 -9.16
N GLU B 157 2.46 -18.27 -8.68
CA GLU B 157 2.96 -18.48 -7.32
C GLU B 157 4.42 -18.06 -7.21
N CYS B 158 5.25 -18.45 -8.18
CA CYS B 158 6.65 -18.00 -8.22
C CYS B 158 6.74 -16.48 -8.23
N GLY B 159 5.97 -15.84 -9.10
CA GLY B 159 6.07 -14.39 -9.23
C GLY B 159 5.61 -13.68 -7.96
N THR B 160 4.53 -14.17 -7.35
CA THR B 160 4.08 -13.56 -6.10
C THR B 160 5.14 -13.69 -5.02
N GLN B 161 5.71 -14.89 -4.87
CA GLN B 161 6.73 -15.09 -3.85
C GLN B 161 7.97 -14.25 -4.14
N LEU B 162 8.33 -14.10 -5.42
CA LEU B 162 9.46 -13.26 -5.80
C LEU B 162 9.23 -11.81 -5.37
N CYS B 163 8.08 -11.24 -5.74
CA CYS B 163 7.75 -9.85 -5.35
C CYS B 163 7.74 -9.66 -3.84
N LEU B 164 7.25 -10.67 -3.11
CA LEU B 164 7.22 -10.57 -1.66
C LEU B 164 8.61 -10.63 -1.04
N LEU B 165 9.65 -11.03 -1.79
CA LEU B 165 11.00 -11.06 -1.25
C LEU B 165 11.65 -9.70 -1.19
N PHE B 166 11.18 -8.76 -2.01
CA PHE B 166 11.82 -7.46 -2.09
C PHE B 166 11.67 -6.71 -0.78
N PRO B 167 12.64 -5.89 -0.42
CA PRO B 167 12.48 -5.02 0.73
C PRO B 167 11.27 -4.12 0.52
N PRO B 168 10.48 -3.89 1.56
CA PRO B 168 9.39 -2.91 1.43
C PRO B 168 9.92 -1.55 0.99
N ASP B 169 9.20 -0.92 0.08
CA ASP B 169 9.51 0.42 -0.41
C ASP B 169 8.55 1.40 0.26
N GLU B 170 9.01 2.00 1.36
CA GLU B 170 8.17 2.93 2.11
C GLU B 170 7.82 4.19 1.32
N SER B 171 8.55 4.52 0.25
CA SER B 171 8.25 5.72 -0.52
C SER B 171 6.94 5.63 -1.32
N ILE B 172 6.37 4.44 -1.49
CA ILE B 172 5.24 4.24 -2.40
C ILE B 172 3.98 3.98 -1.58
N ASP B 173 2.87 4.58 -2.01
CA ASP B 173 1.56 4.40 -1.38
C ASP B 173 0.70 3.64 -2.38
N LEU B 174 0.40 2.38 -2.09
CA LEU B 174 -0.35 1.56 -3.03
C LEU B 174 -1.82 1.94 -3.09
N TYR B 175 -2.27 2.86 -2.24
CA TYR B 175 -3.65 3.33 -2.30
C TYR B 175 -4.01 3.83 -3.69
N GLN B 176 -3.16 4.66 -4.29
CA GLN B 176 -3.50 5.16 -5.62
C GLN B 176 -3.26 4.11 -6.69
N VAL B 177 -2.30 3.21 -6.47
CA VAL B 177 -2.17 2.04 -7.34
C VAL B 177 -3.50 1.27 -7.38
N ILE B 178 -4.04 0.94 -6.20
CA ILE B 178 -5.28 0.17 -6.12
C ILE B 178 -6.45 0.90 -6.80
N HIS B 179 -6.44 2.22 -6.81
CA HIS B 179 -7.58 2.92 -7.38
C HIS B 179 -7.59 2.94 -8.90
N LYS B 180 -6.63 2.27 -9.55
CA LYS B 180 -6.62 2.11 -11.00
C LYS B 180 -7.07 0.72 -11.43
N MET B 181 -7.54 -0.11 -10.51
CA MET B 181 -7.85 -1.49 -10.83
C MET B 181 -9.36 -1.73 -10.83
S SO4 C . -19.75 2.63 26.10
O1 SO4 C . -20.86 2.44 25.18
O2 SO4 C . -19.55 4.06 26.34
O3 SO4 C . -20.08 1.96 27.36
O4 SO4 C . -18.52 2.09 25.54
S SO4 D . 1.30 -6.85 14.63
O1 SO4 D . -0.14 -6.67 14.70
O2 SO4 D . 1.90 -5.79 13.82
O3 SO4 D . 1.87 -6.81 15.98
O4 SO4 D . 1.60 -8.15 14.01
S SO4 E . -28.17 15.84 13.93
O1 SO4 E . -28.83 14.54 13.77
O2 SO4 E . -28.02 16.52 12.65
O3 SO4 E . -28.97 16.72 14.81
O4 SO4 E . -26.82 15.65 14.49
S SO4 F . -27.86 3.90 24.62
O1 SO4 F . -29.32 4.05 24.71
O2 SO4 F . -27.49 3.16 23.42
O3 SO4 F . -27.38 3.19 25.81
O4 SO4 F . -27.25 5.23 24.57
S SO4 G . 3.31 -4.67 27.05
O1 SO4 G . 3.18 -5.21 25.69
O2 SO4 G . 2.49 -3.47 27.17
O3 SO4 G . 4.70 -4.32 27.32
O4 SO4 G . 2.87 -5.70 28.00
O5' 6MD H . 5.59 -2.72 20.02
C5' 6MD H . 4.50 -2.12 19.33
C4' 6MD H . 3.18 -2.76 19.69
O4' 6MD H . 2.40 -1.87 20.50
C3' 6MD H . 2.32 -3.18 18.51
O3' 6MD H . 1.72 -4.45 18.79
C2' 6MD H . 1.23 -2.10 18.44
O2' 6MD H . -0.04 -2.62 18.10
C1' 6MD H . 1.22 -1.47 19.84
N9 6MD H . 1.18 0.01 19.84
C8 6MD H . 1.59 0.81 18.85
N7 6MD H . 1.41 2.08 19.23
C5 6MD H . 0.90 2.07 20.48
C6 6MD H . 0.53 3.10 21.32
N6 6MD H . 0.65 4.50 21.01
N1 6MD H . 0.03 2.80 22.52
C2 6MD H . -0.10 1.52 22.90
N3 6MD H . 0.25 0.51 22.06
C4 6MD H . 0.76 0.79 20.85
CZ 6MD H . 0.06 5.50 21.88
S SO4 I . -1.02 -2.28 4.60
O1 SO4 I . -0.87 -2.43 3.17
O2 SO4 I . -2.37 -1.81 4.93
O3 SO4 I . -0.01 -1.33 5.05
O4 SO4 I . -0.80 -3.58 5.26
S SO4 J . 24.91 -3.65 -25.47
O1 SO4 J . 24.67 -4.88 -26.21
O2 SO4 J . 25.27 -2.58 -26.40
O3 SO4 J . 26.01 -3.87 -24.53
O4 SO4 J . 23.70 -3.27 -24.74
O5' 6MD K . 18.02 -6.95 -27.78
C5' 6MD K . 19.08 -7.23 -26.89
C4' 6MD K . 18.61 -7.27 -25.45
O4' 6MD K . 18.21 -5.94 -25.02
C3' 6MD K . 17.37 -8.10 -25.17
O3' 6MD K . 17.62 -9.49 -25.14
C2' 6MD K . 16.88 -7.52 -23.83
O2' 6MD K . 17.50 -8.18 -22.74
C1' 6MD K . 17.42 -6.08 -23.86
N9 6MD K . 16.34 -5.08 -23.88
C8 6MD K . 15.09 -5.22 -24.33
N7 6MD K . 14.45 -4.07 -24.13
C5 6MD K . 15.30 -3.23 -23.53
C6 6MD K . 15.19 -1.93 -23.09
N6 6MD K . 14.00 -1.14 -23.21
N1 6MD K . 16.22 -1.33 -22.53
C2 6MD K . 17.40 -1.97 -22.37
N3 6MD K . 17.52 -3.25 -22.79
C4 6MD K . 16.47 -3.86 -23.37
CZ 6MD K . 13.92 0.20 -22.65
#